data_3HBP
#
_entry.id   3HBP
#
_cell.length_a   86.284
_cell.length_b   86.284
_cell.length_c   152.339
_cell.angle_alpha   90.00
_cell.angle_beta   90.00
_cell.angle_gamma   90.00
#
_symmetry.space_group_name_H-M   'I 41'
#
loop_
_entity.id
_entity.type
_entity.pdbx_description
1 polymer 'Sulfite Oxidase mutant C185S'
2 non-polymer 'PHOSPHONIC ACIDMONO-(2-AMINO-5,6-DIMERCAPTO-4-OXO-3,7,8A,9,10,10A-HEXAHYDRO-4H-8-OXA-1,3,9,10-TETRAAZA-ANTHRACEN-7-YLMETHYL)ESTER'
3 non-polymer HYDROXY(DIOXO)MOLYBDENUM
4 non-polymer 'SULFITE ION'
5 water water
#
_entity_poly.entity_id   1
_entity_poly.type   'polypeptide(L)'
_entity_poly.pdbx_seq_one_letter_code
;APSYPEYTREEVGRHRSPEERVWVTHGTDVFDVTDFVELHPGGPDKILLAAGGALEPFWALYAVHGEPHVLELLQQYKVG
ELSPDEAPAAPDAQDPFAGDPPRHPGLRVNSQKPFNAEPPAELLAERFLTPNELFFTRNHLPVPAVEPSSYRLRVDGPGG
GTLSLSLAELRSRFPKHEVTATLQSAGNRRSEMSRVRPVKGLPWDIGAISTARWGGARLRDVLLHAGFPEELQGEWHVCF
EGLDADPGGAPYGASIPYGRALSPAADVLLAYEMNGTELPRDHGFPVRVVVPGVVGARSVKWLRRVAVSPDESPSHWQQN
DYKGFSPCVDWDTVDYRTAPAIQELPVQSAVTQPRPGAAVPPGELTVKGYAWSGGGREVVRVDVSLDGGRTWKVARLMGD
KAPPGRAWAWALWELTVPVEAGTELEIVCKAVDSSYNVQPDSVAPIWNLRGVLSTAWHRVRVSVQD
;
_entity_poly.pdbx_strand_id   A
#
loop_
_chem_comp.id
_chem_comp.type
_chem_comp.name
_chem_comp.formula
MOM non-polymer HYDROXY(DIOXO)MOLYBDENUM 'H Mo O3'
MTE non-polymer 'PHOSPHONIC ACIDMONO-(2-AMINO-5,6-DIMERCAPTO-4-OXO-3,7,8A,9,10,10A-HEXAHYDRO-4H-8-OXA-1,3,9,10-TETRAAZA-ANTHRACEN-7-YLMETHYL)ESTER' 'C10 H14 N5 O6 P S2'
SO3 non-polymer 'SULFITE ION' 'O3 S -2'
#
# COMPACT_ATOMS: atom_id res chain seq x y z
N GLN A 94 -12.97 -21.82 20.70
CA GLN A 94 -11.52 -21.71 20.56
C GLN A 94 -10.90 -20.74 19.57
N ASP A 95 -10.42 -21.25 18.45
CA ASP A 95 -9.67 -20.44 17.50
C ASP A 95 -10.54 -19.25 17.11
N PRO A 96 -9.95 -18.04 17.13
CA PRO A 96 -10.69 -16.84 16.69
C PRO A 96 -10.49 -16.74 15.17
N PHE A 97 -9.49 -17.44 14.64
CA PHE A 97 -9.13 -17.41 13.21
C PHE A 97 -9.68 -18.57 12.36
N ALA A 98 -10.42 -19.49 12.97
CA ALA A 98 -10.93 -20.65 12.25
C ALA A 98 -11.75 -20.33 10.97
N GLY A 99 -12.42 -19.18 10.94
CA GLY A 99 -13.23 -18.81 9.78
C GLY A 99 -12.47 -18.04 8.71
N ASP A 100 -11.14 -17.91 8.86
CA ASP A 100 -10.35 -17.17 7.90
C ASP A 100 -10.40 -17.88 6.55
N PRO A 101 -10.34 -17.12 5.45
CA PRO A 101 -10.42 -17.77 4.15
C PRO A 101 -9.15 -18.57 3.86
N PRO A 102 -9.23 -19.54 2.94
CA PRO A 102 -7.98 -20.22 2.57
C PRO A 102 -7.18 -19.38 1.59
N ARG A 103 -5.87 -19.58 1.51
CA ARG A 103 -5.04 -18.81 0.59
C ARG A 103 -4.29 -19.64 -0.43
N HIS A 104 -3.80 -18.97 -1.46
CA HIS A 104 -2.94 -19.54 -2.49
C HIS A 104 -1.63 -20.06 -1.86
N PRO A 105 -1.23 -21.31 -2.18
CA PRO A 105 -0.11 -21.99 -1.52
C PRO A 105 1.29 -21.34 -1.60
N GLY A 106 1.56 -20.54 -2.63
CA GLY A 106 2.94 -20.10 -2.84
C GLY A 106 3.45 -18.84 -2.15
N LEU A 107 2.67 -18.28 -1.23
CA LEU A 107 2.99 -16.97 -0.67
C LEU A 107 4.13 -16.95 0.36
N ARG A 108 4.77 -15.79 0.51
CA ARG A 108 5.74 -15.56 1.57
C ARG A 108 4.96 -15.04 2.80
N VAL A 109 4.59 -15.97 3.67
CA VAL A 109 3.79 -15.69 4.85
C VAL A 109 4.68 -15.31 6.03
N ASN A 110 4.48 -14.12 6.57
CA ASN A 110 5.28 -13.71 7.74
C ASN A 110 4.52 -13.90 9.06
N SER A 111 3.21 -14.08 8.93
CA SER A 111 2.32 -14.32 10.07
C SER A 111 1.08 -15.07 9.57
N GLN A 112 0.75 -16.17 10.24
CA GLN A 112 -0.44 -16.92 9.91
C GLN A 112 -1.67 -16.35 10.64
N LYS A 113 -1.47 -15.97 11.90
CA LYS A 113 -2.55 -15.51 12.78
C LYS A 113 -2.14 -14.26 13.57
N PRO A 114 -2.60 -13.08 13.14
CA PRO A 114 -3.40 -12.77 11.95
C PRO A 114 -2.61 -12.93 10.63
N PHE A 115 -3.31 -13.09 9.51
CA PHE A 115 -2.66 -13.41 8.26
C PHE A 115 -2.03 -12.21 7.56
N ASN A 116 -0.73 -12.33 7.27
CA ASN A 116 0.04 -11.28 6.62
C ASN A 116 1.05 -11.94 5.69
N ALA A 117 0.90 -11.72 4.39
CA ALA A 117 1.72 -12.42 3.42
C ALA A 117 2.00 -11.53 2.21
N GLU A 118 3.10 -11.81 1.51
CA GLU A 118 3.43 -11.12 0.27
C GLU A 118 3.67 -12.15 -0.85
N PRO A 119 3.46 -11.73 -2.12
CA PRO A 119 3.73 -12.60 -3.26
C PRO A 119 5.22 -12.79 -3.39
N PRO A 120 5.67 -13.95 -3.95
CA PRO A 120 7.09 -14.13 -4.24
C PRO A 120 7.53 -13.01 -5.16
N ALA A 121 8.71 -12.46 -4.90
CA ALA A 121 9.22 -11.37 -5.71
C ALA A 121 9.34 -11.73 -7.20
N GLU A 122 9.46 -13.03 -7.49
CA GLU A 122 9.57 -13.53 -8.88
C GLU A 122 8.29 -13.29 -9.67
N LEU A 123 7.17 -13.23 -8.96
CA LEU A 123 5.88 -13.05 -9.61
C LEU A 123 5.39 -11.60 -9.57
N LEU A 124 5.83 -10.88 -8.55
CA LEU A 124 5.35 -9.53 -8.24
C LEU A 124 5.26 -8.60 -9.42
N ALA A 125 6.29 -8.55 -10.25
CA ALA A 125 6.27 -7.66 -11.40
C ALA A 125 6.09 -8.39 -12.76
N GLU A 126 5.55 -9.61 -12.70
CA GLU A 126 5.16 -10.37 -13.90
C GLU A 126 4.06 -9.62 -14.65
N ARG A 127 3.16 -9.03 -13.86
CA ARG A 127 1.96 -8.43 -14.40
C ARG A 127 1.71 -7.08 -13.78
N PHE A 128 1.20 -6.17 -14.60
CA PHE A 128 0.89 -4.82 -14.18
C PHE A 128 -0.20 -4.84 -13.10
N LEU A 129 -1.28 -5.58 -13.34
CA LEU A 129 -2.28 -5.80 -12.30
C LEU A 129 -1.95 -7.07 -11.51
N THR A 130 -1.72 -6.93 -10.20
CA THR A 130 -1.46 -8.11 -9.39
C THR A 130 -2.72 -8.96 -9.28
N PRO A 131 -2.66 -10.24 -9.69
CA PRO A 131 -3.83 -11.10 -9.54
C PRO A 131 -4.34 -11.10 -8.09
N ASN A 132 -5.66 -11.21 -7.92
CA ASN A 132 -6.29 -11.20 -6.60
C ASN A 132 -5.68 -12.22 -5.62
N GLU A 133 -5.23 -13.37 -6.11
CA GLU A 133 -4.68 -14.43 -5.24
C GLU A 133 -3.28 -14.10 -4.75
N LEU A 134 -2.59 -13.19 -5.45
CA LEU A 134 -1.19 -12.86 -5.13
C LEU A 134 -1.03 -11.52 -4.46
N PHE A 135 -2.11 -10.73 -4.47
CA PHE A 135 -2.09 -9.40 -3.91
C PHE A 135 -1.67 -9.53 -2.45
N PHE A 136 -0.67 -8.78 -2.03
CA PHE A 136 -0.21 -8.90 -0.65
C PHE A 136 -1.37 -8.64 0.32
N THR A 137 -1.33 -9.33 1.45
CA THR A 137 -2.43 -9.28 2.40
C THR A 137 -1.91 -8.82 3.73
N ARG A 138 -2.56 -7.80 4.29
CA ARG A 138 -2.19 -7.32 5.60
C ARG A 138 -3.42 -7.25 6.51
N ASN A 139 -3.52 -8.22 7.42
CA ASN A 139 -4.61 -8.29 8.40
C ASN A 139 -4.11 -8.05 9.83
N HIS A 140 -4.73 -7.15 10.56
CA HIS A 140 -4.43 -7.02 11.98
C HIS A 140 -5.18 -8.06 12.81
N LEU A 141 -6.26 -8.58 12.25
CA LEU A 141 -7.27 -9.27 13.04
C LEU A 141 -7.87 -10.45 12.26
N PRO A 142 -8.71 -11.27 12.92
CA PRO A 142 -9.46 -12.29 12.16
C PRO A 142 -10.28 -11.65 11.03
N VAL A 143 -10.42 -12.35 9.91
CA VAL A 143 -11.19 -11.84 8.78
C VAL A 143 -12.69 -11.99 9.03
N PRO A 144 -13.46 -10.88 9.00
CA PRO A 144 -14.92 -10.95 9.20
C PRO A 144 -15.64 -11.84 8.18
N ALA A 145 -16.67 -12.55 8.64
CA ALA A 145 -17.53 -13.32 7.78
C ALA A 145 -18.81 -12.52 7.63
N VAL A 146 -19.05 -12.05 6.42
CA VAL A 146 -20.14 -11.12 6.17
C VAL A 146 -21.18 -11.75 5.26
N GLU A 147 -22.42 -11.77 5.71
CA GLU A 147 -23.54 -12.18 4.85
C GLU A 147 -23.93 -10.98 3.98
N PRO A 148 -23.82 -11.13 2.65
CA PRO A 148 -24.02 -9.99 1.73
C PRO A 148 -25.38 -9.25 1.85
N SER A 149 -26.49 -9.96 1.99
CA SER A 149 -27.81 -9.30 2.02
C SER A 149 -28.05 -8.42 3.24
N SER A 150 -27.63 -8.89 4.42
CA SER A 150 -27.93 -8.16 5.67
C SER A 150 -26.87 -7.10 6.03
N TYR A 151 -25.77 -7.08 5.27
CA TYR A 151 -24.75 -6.03 5.42
C TYR A 151 -25.33 -4.62 5.23
N ARG A 152 -24.96 -3.73 6.14
CA ARG A 152 -25.28 -2.31 6.01
C ARG A 152 -24.08 -1.46 6.34
N LEU A 153 -23.74 -0.57 5.42
CA LEU A 153 -22.72 0.44 5.68
C LEU A 153 -23.39 1.64 6.33
N ARG A 154 -22.85 2.07 7.46
CA ARG A 154 -23.40 3.21 8.20
C ARG A 154 -22.67 4.52 7.90
N VAL A 155 -23.38 5.53 7.38
CA VAL A 155 -22.76 6.82 7.10
C VAL A 155 -23.44 7.89 7.96
N ASP A 156 -22.68 8.54 8.84
CA ASP A 156 -23.25 9.57 9.72
C ASP A 156 -23.37 10.84 8.95
N GLY A 157 -24.58 11.39 8.92
CA GLY A 157 -24.86 12.63 8.19
C GLY A 157 -24.42 13.85 8.96
N PRO A 158 -24.45 15.03 8.29
CA PRO A 158 -23.91 16.26 8.86
C PRO A 158 -24.55 16.63 10.20
N GLY A 159 -25.83 16.33 10.36
CA GLY A 159 -26.55 16.73 11.56
C GLY A 159 -26.55 15.76 12.72
N GLY A 160 -25.85 14.64 12.59
CA GLY A 160 -25.87 13.60 13.61
C GLY A 160 -26.81 12.41 13.41
N GLY A 161 -27.72 12.50 12.43
CA GLY A 161 -28.49 11.33 11.97
C GLY A 161 -27.60 10.30 11.27
N THR A 162 -28.17 9.17 10.85
CA THR A 162 -27.42 8.11 10.16
C THR A 162 -28.06 7.65 8.84
N LEU A 163 -27.28 7.63 7.79
CA LEU A 163 -27.67 7.00 6.54
C LEU A 163 -27.16 5.55 6.55
N SER A 164 -27.96 4.64 6.03
CA SER A 164 -27.68 3.22 6.11
C SER A 164 -27.77 2.65 4.69
N LEU A 165 -26.70 2.03 4.22
CA LEU A 165 -26.64 1.57 2.81
C LEU A 165 -26.33 0.10 2.68
N SER A 166 -27.22 -0.62 2.03
CA SER A 166 -26.99 -2.02 1.70
C SER A 166 -25.97 -2.10 0.56
N LEU A 167 -25.39 -3.27 0.38
CA LEU A 167 -24.54 -3.53 -0.78
C LEU A 167 -25.25 -3.21 -2.11
N ALA A 168 -26.51 -3.61 -2.24
CA ALA A 168 -27.29 -3.34 -3.45
C ALA A 168 -27.47 -1.84 -3.73
N GLU A 169 -27.78 -1.06 -2.69
CA GLU A 169 -27.87 0.40 -2.84
C GLU A 169 -26.53 1.02 -3.29
N LEU A 170 -25.43 0.58 -2.69
CA LEU A 170 -24.10 1.09 -3.03
C LEU A 170 -23.74 0.82 -4.50
N ARG A 171 -24.15 -0.35 -5.00
CA ARG A 171 -24.02 -0.70 -6.41
C ARG A 171 -24.96 0.08 -7.33
N SER A 172 -26.18 0.34 -6.89
CA SER A 172 -27.16 0.90 -7.83
C SER A 172 -27.31 2.43 -7.78
N ARG A 173 -27.11 3.02 -6.62
CA ARG A 173 -27.37 4.46 -6.45
C ARG A 173 -26.21 5.34 -6.94
N PHE A 174 -25.01 4.79 -7.01
CA PHE A 174 -23.84 5.61 -7.33
C PHE A 174 -23.16 5.08 -8.59
N PRO A 175 -22.86 5.99 -9.55
CA PRO A 175 -22.11 5.57 -10.74
C PRO A 175 -20.78 4.89 -10.34
N LYS A 176 -20.59 3.67 -10.85
CA LYS A 176 -19.40 2.89 -10.60
C LYS A 176 -18.23 3.59 -11.28
N HIS A 177 -17.10 3.66 -10.59
CA HIS A 177 -15.92 4.30 -11.10
C HIS A 177 -14.81 3.29 -10.91
N GLU A 178 -13.94 3.19 -11.89
CA GLU A 178 -12.81 2.27 -11.84
C GLU A 178 -11.54 3.08 -11.62
N VAL A 179 -10.71 2.63 -10.69
CA VAL A 179 -9.45 3.31 -10.40
C VAL A 179 -8.39 2.24 -10.27
N THR A 180 -7.32 2.36 -11.05
CA THR A 180 -6.19 1.47 -10.87
C THR A 180 -5.19 2.07 -9.87
N ALA A 181 -5.02 1.41 -8.73
CA ALA A 181 -4.23 1.98 -7.66
C ALA A 181 -3.33 0.97 -7.00
N THR A 182 -2.12 1.41 -6.70
CA THR A 182 -1.17 0.64 -5.91
C THR A 182 -1.34 0.86 -4.40
N LEU A 183 -1.53 -0.25 -3.70
CA LEU A 183 -1.48 -0.25 -2.24
C LEU A 183 -0.09 -0.73 -1.79
N GLN A 184 0.53 0.05 -0.90
CA GLN A 184 1.86 -0.28 -0.35
C GLN A 184 1.82 -0.16 1.17
N SER A 185 2.35 -1.15 1.86
CA SER A 185 2.37 -1.09 3.33
C SER A 185 3.45 -0.10 3.78
N ALA A 186 3.19 0.57 4.91
CA ALA A 186 4.21 1.45 5.50
C ALA A 186 5.53 0.71 5.74
N GLY A 187 5.42 -0.58 6.05
CA GLY A 187 6.59 -1.36 6.41
C GLY A 187 7.20 -2.16 5.27
N ASN A 188 6.83 -1.85 4.02
CA ASN A 188 7.43 -2.52 2.86
C ASN A 188 8.96 -2.37 2.92
N ARG A 189 9.69 -3.46 2.71
CA ARG A 189 11.16 -3.41 2.75
C ARG A 189 11.69 -3.16 4.16
N ARG A 190 10.85 -3.46 5.15
CA ARG A 190 11.26 -3.41 6.55
C ARG A 190 12.48 -4.28 6.84
N SER A 191 12.54 -5.44 6.21
CA SER A 191 13.61 -6.36 6.56
C SER A 191 15.01 -5.79 6.29
N GLU A 192 15.14 -4.94 5.26
CA GLU A 192 16.42 -4.25 5.00
C GLU A 192 16.82 -3.27 6.12
N MET A 193 15.83 -2.61 6.70
CA MET A 193 16.04 -1.74 7.83
C MET A 193 16.51 -2.51 9.08
N SER A 194 16.03 -3.74 9.24
CA SER A 194 16.38 -4.61 10.39
C SER A 194 17.80 -5.07 10.31
N ARG A 195 18.35 -5.10 9.10
CA ARG A 195 19.72 -5.49 8.93
C ARG A 195 20.70 -4.49 9.59
N VAL A 196 20.29 -3.23 9.72
CA VAL A 196 21.11 -2.19 10.36
C VAL A 196 21.04 -2.33 11.87
N ARG A 197 19.81 -2.47 12.36
CA ARG A 197 19.48 -2.48 13.78
C ARG A 197 18.06 -3.06 13.84
N PRO A 198 17.84 -4.11 14.65
CA PRO A 198 16.53 -4.76 14.67
C PRO A 198 15.38 -3.81 14.95
N VAL A 199 14.26 -4.04 14.28
CA VAL A 199 13.06 -3.25 14.46
C VAL A 199 11.89 -4.14 14.90
N LYS A 200 10.86 -3.51 15.44
CA LYS A 200 9.60 -4.16 15.74
C LYS A 200 8.65 -4.10 14.55
N GLY A 201 8.05 -5.23 14.22
CA GLY A 201 7.07 -5.27 13.14
C GLY A 201 7.20 -6.53 12.31
N LEU A 202 6.26 -6.69 11.39
CA LEU A 202 6.23 -7.81 10.49
C LEU A 202 7.43 -7.69 9.56
N PRO A 203 8.15 -8.80 9.37
CA PRO A 203 9.39 -8.68 8.60
C PRO A 203 9.15 -8.71 7.07
N TRP A 204 8.45 -7.72 6.54
CA TRP A 204 8.24 -7.57 5.12
C TRP A 204 9.51 -7.54 4.32
N ASP A 205 9.53 -8.26 3.21
CA ASP A 205 10.57 -8.13 2.23
C ASP A 205 9.98 -7.20 1.18
N ILE A 206 10.55 -7.12 0.00
CA ILE A 206 10.11 -6.14 -0.99
C ILE A 206 8.72 -6.21 -1.64
N GLY A 207 7.85 -7.07 -1.12
CA GLY A 207 6.58 -7.36 -1.80
C GLY A 207 5.35 -6.94 -1.03
N ALA A 208 5.50 -6.06 -0.05
CA ALA A 208 4.34 -5.53 0.64
C ALA A 208 3.74 -4.37 -0.17
N ILE A 209 3.45 -4.68 -1.44
CA ILE A 209 3.01 -3.70 -2.44
C ILE A 209 2.30 -4.48 -3.54
N SER A 210 1.12 -4.02 -3.97
CA SER A 210 0.44 -4.65 -5.10
C SER A 210 -0.47 -3.67 -5.75
N THR A 211 -0.89 -3.99 -6.98
CA THR A 211 -1.70 -3.10 -7.81
C THR A 211 -2.94 -3.81 -8.32
N ALA A 212 -4.08 -3.15 -8.22
CA ALA A 212 -5.31 -3.72 -8.75
C ALA A 212 -6.14 -2.61 -9.37
N ARG A 213 -7.01 -2.98 -10.30
CA ARG A 213 -8.10 -2.11 -10.76
C ARG A 213 -9.25 -2.24 -9.75
N TRP A 214 -9.61 -1.14 -9.11
CA TRP A 214 -10.68 -1.13 -8.13
C TRP A 214 -11.95 -0.53 -8.74
N GLY A 215 -13.09 -1.15 -8.50
CA GLY A 215 -14.37 -0.59 -8.94
C GLY A 215 -15.25 -0.38 -7.75
N GLY A 216 -15.93 0.77 -7.70
CA GLY A 216 -16.85 1.06 -6.61
C GLY A 216 -17.43 2.46 -6.66
N ALA A 217 -18.14 2.82 -5.59
CA ALA A 217 -18.78 4.13 -5.50
C ALA A 217 -17.73 5.16 -5.14
N ARG A 218 -17.84 6.36 -5.68
CA ARG A 218 -16.94 7.42 -5.22
C ARG A 218 -17.28 7.79 -3.77
N LEU A 219 -16.28 7.88 -2.90
CA LEU A 219 -16.55 8.35 -1.52
C LEU A 219 -17.18 9.73 -1.55
N ARG A 220 -16.69 10.59 -2.45
CA ARG A 220 -17.25 11.90 -2.59
C ARG A 220 -18.79 11.90 -2.78
N ASP A 221 -19.29 11.01 -3.65
CA ASP A 221 -20.72 10.94 -3.97
C ASP A 221 -21.53 10.45 -2.79
N VAL A 222 -20.97 9.47 -2.08
CA VAL A 222 -21.62 8.91 -0.91
C VAL A 222 -21.77 10.00 0.14
N LEU A 223 -20.74 10.83 0.32
CA LEU A 223 -20.85 11.94 1.28
C LEU A 223 -21.80 13.05 0.83
N LEU A 224 -21.77 13.40 -0.46
CA LEU A 224 -22.72 14.39 -0.95
C LEU A 224 -24.12 13.84 -0.77
N HIS A 225 -24.29 12.54 -1.01
CA HIS A 225 -25.61 11.96 -0.85
C HIS A 225 -26.12 12.04 0.59
N ALA A 226 -25.20 11.85 1.53
CA ALA A 226 -25.49 11.94 2.95
C ALA A 226 -25.83 13.38 3.38
N GLY A 227 -25.51 14.37 2.54
CA GLY A 227 -25.89 15.76 2.80
C GLY A 227 -24.74 16.73 3.05
N PHE A 228 -23.50 16.22 3.10
CA PHE A 228 -22.30 17.01 3.40
C PHE A 228 -22.01 18.01 2.29
N PRO A 229 -21.45 19.19 2.61
CA PRO A 229 -21.09 20.13 1.54
C PRO A 229 -19.75 19.77 0.86
N GLU A 230 -19.42 20.50 -0.20
CA GLU A 230 -18.14 20.34 -0.90
C GLU A 230 -16.95 20.70 0.00
N GLU A 231 -17.18 21.68 0.87
CA GLU A 231 -16.15 22.32 1.66
C GLU A 231 -16.71 22.54 3.06
N LEU A 232 -15.99 22.06 4.06
CA LEU A 232 -16.22 22.46 5.44
C LEU A 232 -15.08 23.37 5.84
N GLN A 233 -15.36 24.38 6.65
CA GLN A 233 -14.30 25.29 7.08
C GLN A 233 -13.49 24.68 8.21
N GLY A 234 -12.19 24.91 8.15
CA GLY A 234 -11.29 24.44 9.19
C GLY A 234 -10.81 23.07 8.84
N GLU A 235 -10.31 22.33 9.83
CA GLU A 235 -9.66 21.05 9.57
C GLU A 235 -10.51 19.85 10.01
N TRP A 236 -10.92 19.07 9.00
CA TRP A 236 -11.85 17.95 9.16
C TRP A 236 -11.27 16.65 8.59
N HIS A 237 -11.78 15.54 9.09
CA HIS A 237 -11.28 14.25 8.70
C HIS A 237 -12.47 13.31 8.52
N VAL A 238 -12.31 12.29 7.70
CA VAL A 238 -13.33 11.28 7.49
C VAL A 238 -12.78 9.99 8.09
N CYS A 239 -13.43 9.51 9.16
CA CYS A 239 -13.04 8.30 9.86
C CYS A 239 -13.71 7.06 9.31
N PHE A 240 -12.95 5.97 9.26
CA PHE A 240 -13.47 4.70 8.75
C PHE A 240 -13.31 3.65 9.82
N GLU A 241 -14.31 2.80 10.02
CA GLU A 241 -14.16 1.65 10.93
C GLU A 241 -14.40 0.35 10.18
N GLY A 242 -13.59 -0.64 10.49
CA GLY A 242 -13.78 -1.95 9.90
C GLY A 242 -14.68 -2.81 10.78
N LEU A 243 -15.20 -3.89 10.19
CA LEU A 243 -15.96 -4.89 10.94
C LEU A 243 -15.07 -5.75 11.87
N ASP A 244 -13.79 -5.88 11.55
CA ASP A 244 -12.86 -6.63 12.40
C ASP A 244 -12.55 -5.89 13.71
N ALA A 245 -12.57 -6.62 14.82
CA ALA A 245 -12.34 -6.02 16.14
C ALA A 245 -11.50 -6.96 16.99
N ASP A 246 -10.74 -6.40 17.94
CA ASP A 246 -10.00 -7.22 18.89
C ASP A 246 -10.93 -7.87 19.92
N PRO A 247 -10.43 -8.81 20.74
CA PRO A 247 -11.33 -9.47 21.71
C PRO A 247 -12.07 -8.48 22.63
N GLY A 248 -11.40 -7.38 22.99
CA GLY A 248 -11.99 -6.28 23.78
C GLY A 248 -12.83 -5.26 23.01
N GLY A 249 -13.02 -5.50 21.71
CA GLY A 249 -14.05 -4.77 20.95
C GLY A 249 -13.69 -3.53 20.14
N ALA A 250 -12.42 -3.11 20.17
CA ALA A 250 -12.00 -1.94 19.39
C ALA A 250 -11.80 -2.31 17.92
N PRO A 251 -12.52 -1.64 16.99
CA PRO A 251 -12.33 -2.01 15.59
C PRO A 251 -11.06 -1.39 14.97
N TYR A 252 -10.54 -2.03 13.92
CA TYR A 252 -9.56 -1.36 13.10
C TYR A 252 -10.22 -0.10 12.58
N GLY A 253 -9.49 1.01 12.65
CA GLY A 253 -9.97 2.28 12.15
C GLY A 253 -8.83 3.11 11.57
N ALA A 254 -9.19 4.08 10.74
CA ALA A 254 -8.24 5.01 10.16
C ALA A 254 -9.03 6.19 9.57
N SER A 255 -8.34 7.28 9.33
CA SER A 255 -8.94 8.45 8.73
C SER A 255 -8.12 9.08 7.60
N ILE A 256 -8.80 9.93 6.82
CA ILE A 256 -8.12 10.75 5.80
C ILE A 256 -8.71 12.16 5.90
N PRO A 257 -7.96 13.15 5.40
CA PRO A 257 -8.51 14.51 5.45
C PRO A 257 -9.80 14.64 4.63
N TYR A 258 -10.70 15.47 5.13
CA TYR A 258 -11.96 15.69 4.47
C TYR A 258 -11.79 16.13 2.98
N GLY A 259 -10.88 17.07 2.72
CA GLY A 259 -10.60 17.55 1.37
C GLY A 259 -10.26 16.43 0.39
N ARG A 260 -9.48 15.45 0.80
CA ARG A 260 -9.18 14.29 -0.07
C ARG A 260 -10.43 13.46 -0.31
N ALA A 261 -11.24 13.25 0.73
CA ALA A 261 -12.50 12.48 0.60
C ALA A 261 -13.44 13.09 -0.45
N LEU A 262 -13.50 14.42 -0.52
CA LEU A 262 -14.43 15.10 -1.40
C LEU A 262 -13.91 15.47 -2.79
N SER A 263 -12.59 15.34 -2.98
CA SER A 263 -11.96 15.74 -4.25
C SER A 263 -12.29 14.78 -5.40
N PRO A 264 -12.82 15.31 -6.52
CA PRO A 264 -13.10 14.41 -7.65
C PRO A 264 -11.80 13.76 -8.13
N ALA A 265 -10.76 14.59 -8.21
CA ALA A 265 -9.46 14.17 -8.67
C ALA A 265 -8.75 13.12 -7.77
N ALA A 266 -9.11 13.03 -6.49
CA ALA A 266 -8.38 12.14 -5.57
C ALA A 266 -8.79 10.67 -5.66
N ASP A 267 -9.92 10.40 -6.30
CA ASP A 267 -10.38 9.05 -6.63
C ASP A 267 -10.56 8.09 -5.46
N VAL A 268 -10.93 8.62 -4.30
CA VAL A 268 -11.15 7.75 -3.14
C VAL A 268 -12.44 6.98 -3.35
N LEU A 269 -12.33 5.66 -3.32
CA LEU A 269 -13.46 4.79 -3.61
C LEU A 269 -13.94 4.02 -2.39
N LEU A 270 -15.24 3.75 -2.36
CA LEU A 270 -15.77 2.61 -1.60
C LEU A 270 -15.91 1.44 -2.56
N ALA A 271 -14.89 0.60 -2.59
CA ALA A 271 -14.79 -0.43 -3.59
C ALA A 271 -15.47 -1.74 -3.16
N TYR A 272 -16.22 -2.34 -4.09
CA TYR A 272 -16.79 -3.68 -3.92
C TYR A 272 -16.26 -4.60 -5.02
N GLU A 273 -15.29 -4.11 -5.80
CA GLU A 273 -14.80 -4.83 -6.96
C GLU A 273 -13.29 -4.70 -7.14
N MET A 274 -12.63 -5.81 -7.48
CA MET A 274 -11.17 -5.88 -7.54
C MET A 274 -10.72 -6.73 -8.73
N ASN A 275 -9.98 -6.12 -9.65
CA ASN A 275 -9.61 -6.76 -10.92
C ASN A 275 -10.79 -7.50 -11.54
N GLY A 276 -11.95 -6.87 -11.49
CA GLY A 276 -13.14 -7.31 -12.22
C GLY A 276 -14.00 -8.35 -11.53
N THR A 277 -13.59 -8.81 -10.35
CA THR A 277 -14.39 -9.77 -9.59
C THR A 277 -14.78 -9.12 -8.27
N GLU A 278 -15.63 -9.75 -7.49
CA GLU A 278 -16.01 -9.14 -6.24
C GLU A 278 -14.82 -9.18 -5.30
N LEU A 279 -14.80 -8.25 -4.36
CA LEU A 279 -13.72 -8.19 -3.38
C LEU A 279 -13.62 -9.53 -2.67
N PRO A 280 -12.44 -10.15 -2.70
CA PRO A 280 -12.17 -11.31 -1.86
C PRO A 280 -12.23 -10.96 -0.37
N ARG A 281 -12.55 -11.97 0.45
CA ARG A 281 -12.65 -11.78 1.90
C ARG A 281 -11.40 -11.14 2.50
N ASP A 282 -10.22 -11.67 2.18
CA ASP A 282 -8.94 -11.13 2.68
C ASP A 282 -8.73 -9.67 2.30
N HIS A 283 -9.36 -9.24 1.22
CA HIS A 283 -9.21 -7.87 0.76
C HIS A 283 -10.38 -6.96 1.07
N GLY A 284 -11.29 -7.44 1.92
CA GLY A 284 -12.29 -6.56 2.52
C GLY A 284 -13.76 -6.80 2.15
N PHE A 285 -14.09 -7.98 1.62
CA PHE A 285 -15.44 -8.27 1.19
C PHE A 285 -16.43 -7.89 2.29
N PRO A 286 -17.52 -7.16 1.95
CA PRO A 286 -17.93 -6.71 0.62
C PRO A 286 -17.48 -5.30 0.22
N VAL A 287 -16.93 -4.51 1.15
CA VAL A 287 -16.61 -3.12 0.84
C VAL A 287 -15.38 -2.66 1.58
N ARG A 288 -14.50 -1.99 0.87
CA ARG A 288 -13.32 -1.38 1.48
C ARG A 288 -13.17 0.04 0.94
N VAL A 289 -12.48 0.89 1.70
CA VAL A 289 -12.05 2.15 1.16
C VAL A 289 -10.80 1.85 0.34
N VAL A 290 -10.63 2.58 -0.76
CA VAL A 290 -9.34 2.59 -1.42
C VAL A 290 -8.93 4.05 -1.47
N VAL A 291 -7.77 4.39 -0.92
CA VAL A 291 -7.29 5.75 -0.93
C VAL A 291 -6.07 5.82 -1.83
N PRO A 292 -6.27 6.19 -3.08
CA PRO A 292 -5.09 6.18 -3.97
C PRO A 292 -3.99 7.11 -3.46
N GLY A 293 -2.73 6.67 -3.59
CA GLY A 293 -1.57 7.53 -3.39
C GLY A 293 -1.18 7.65 -1.93
N VAL A 294 -1.88 6.89 -1.09
CA VAL A 294 -1.74 7.01 0.36
C VAL A 294 -1.35 5.63 0.90
N VAL A 295 -0.69 5.60 2.05
CA VAL A 295 -0.25 4.36 2.68
C VAL A 295 -1.42 3.39 2.84
N GLY A 296 -1.17 2.10 2.69
CA GLY A 296 -2.26 1.11 2.70
C GLY A 296 -3.13 1.14 3.94
N ALA A 297 -2.52 1.46 5.09
CA ALA A 297 -3.19 1.57 6.40
C ALA A 297 -4.53 2.29 6.37
N ARG A 298 -4.71 3.23 5.46
CA ARG A 298 -5.92 4.07 5.48
C ARG A 298 -7.01 3.45 4.59
N SER A 299 -6.65 2.42 3.83
CA SER A 299 -7.62 1.76 2.95
C SER A 299 -8.36 0.69 3.76
N VAL A 300 -9.25 1.17 4.61
CA VAL A 300 -9.92 0.35 5.61
C VAL A 300 -10.80 -0.74 5.01
N LYS A 301 -10.47 -1.99 5.30
CA LYS A 301 -11.24 -3.14 4.77
C LYS A 301 -12.50 -3.44 5.61
N TRP A 302 -13.44 -4.18 5.04
CA TRP A 302 -14.64 -4.64 5.77
C TRP A 302 -15.40 -3.46 6.41
N LEU A 303 -15.57 -2.40 5.62
CA LEU A 303 -16.06 -1.13 6.10
C LEU A 303 -17.43 -1.25 6.72
N ARG A 304 -17.56 -0.77 7.96
CA ARG A 304 -18.83 -0.80 8.68
C ARG A 304 -19.33 0.60 9.05
N ARG A 305 -18.47 1.60 8.91
CA ARG A 305 -18.86 2.97 9.26
C ARG A 305 -17.95 4.06 8.66
N VAL A 306 -18.56 5.12 8.17
CA VAL A 306 -17.88 6.32 7.70
C VAL A 306 -18.43 7.44 8.57
N ALA A 307 -17.56 8.17 9.26
CA ALA A 307 -17.99 9.35 10.06
C ALA A 307 -17.15 10.56 9.72
N VAL A 308 -17.75 11.73 9.67
CA VAL A 308 -17.02 12.99 9.48
C VAL A 308 -16.78 13.63 10.85
N SER A 309 -15.54 14.04 11.12
CA SER A 309 -15.17 14.54 12.45
C SER A 309 -14.11 15.65 12.36
N PRO A 310 -14.15 16.60 13.32
CA PRO A 310 -13.09 17.64 13.49
C PRO A 310 -11.68 17.07 13.71
N ASP A 311 -11.58 15.86 14.21
CA ASP A 311 -10.26 15.24 14.40
C ASP A 311 -10.02 13.97 13.53
N GLU A 312 -8.82 13.43 13.64
CA GLU A 312 -8.44 12.15 13.05
C GLU A 312 -9.11 10.98 13.79
N SER A 313 -9.00 9.78 13.24
CA SER A 313 -9.53 8.57 13.86
C SER A 313 -8.88 8.34 15.23
N PRO A 314 -9.69 8.19 16.28
CA PRO A 314 -9.15 8.05 17.64
C PRO A 314 -8.55 6.67 17.88
N SER A 315 -8.59 5.82 16.84
CA SER A 315 -8.10 4.44 16.92
C SER A 315 -6.58 4.37 17.03
N HIS A 316 -6.12 3.34 17.74
CA HIS A 316 -4.69 3.09 18.03
C HIS A 316 -3.78 3.22 16.80
N TRP A 317 -4.27 2.75 15.65
CA TRP A 317 -3.46 2.65 14.44
C TRP A 317 -3.37 3.98 13.65
N GLN A 318 -4.22 4.95 13.99
CA GLN A 318 -4.14 6.28 13.40
C GLN A 318 -3.36 7.24 14.31
N GLN A 319 -3.48 7.03 15.62
CA GLN A 319 -2.88 7.95 16.61
C GLN A 319 -1.56 7.49 17.22
N ASN A 320 -1.39 6.18 17.40
CA ASN A 320 -0.19 5.62 18.07
C ASN A 320 0.50 4.49 17.27
N ASP A 321 0.60 4.69 15.95
CA ASP A 321 1.18 3.74 14.99
C ASP A 321 1.12 4.39 13.60
N TYR A 322 1.83 3.81 12.63
CA TYR A 322 1.94 4.35 11.24
C TYR A 322 2.38 5.83 11.18
N LYS A 323 3.51 6.10 11.85
CA LYS A 323 4.17 7.41 11.91
C LYS A 323 5.69 7.20 11.86
N GLY A 324 6.39 8.06 11.13
CA GLY A 324 7.84 7.92 10.93
C GLY A 324 8.66 8.79 11.87
N PHE A 325 9.78 8.26 12.34
CA PHE A 325 10.60 8.97 13.34
C PHE A 325 12.07 9.13 12.93
N SER A 326 12.83 9.87 13.74
CA SER A 326 14.25 10.11 13.51
C SER A 326 15.07 8.83 13.70
N PRO A 327 16.24 8.73 13.04
CA PRO A 327 17.22 7.65 13.29
C PRO A 327 17.72 7.50 14.73
N CYS A 328 17.32 8.41 15.62
CA CYS A 328 17.79 8.39 17.03
C CYS A 328 16.75 7.94 18.06
N VAL A 329 15.47 7.94 17.66
CA VAL A 329 14.33 7.70 18.57
C VAL A 329 14.25 6.24 19.09
N ASP A 330 14.25 6.10 20.41
CA ASP A 330 14.17 4.81 21.12
C ASP A 330 12.73 4.52 21.58
N TRP A 331 12.47 3.33 22.12
CA TRP A 331 11.13 2.92 22.55
C TRP A 331 10.62 3.66 23.81
N ASP A 332 11.52 3.95 24.73
CA ASP A 332 11.17 4.71 25.94
C ASP A 332 11.05 6.23 25.70
N THR A 333 11.48 6.69 24.53
CA THR A 333 11.41 8.13 24.19
C THR A 333 10.47 8.46 23.01
N VAL A 334 9.72 7.47 22.52
CA VAL A 334 8.81 7.68 21.38
C VAL A 334 7.64 8.60 21.73
N ASP A 335 7.36 9.56 20.83
CA ASP A 335 6.30 10.54 21.06
C ASP A 335 5.48 10.71 19.79
N TYR A 336 4.32 10.05 19.75
CA TYR A 336 3.45 10.05 18.57
C TYR A 336 2.74 11.38 18.31
N ARG A 337 2.75 12.26 19.31
CA ARG A 337 2.22 13.62 19.18
C ARG A 337 3.12 14.50 18.30
N THR A 338 4.37 14.07 18.08
CA THR A 338 5.39 14.90 17.43
C THR A 338 5.47 14.77 15.90
N ALA A 339 5.07 13.61 15.37
CA ALA A 339 5.10 13.37 13.92
C ALA A 339 3.70 13.26 13.31
N PRO A 340 3.56 13.67 12.04
CA PRO A 340 2.29 13.46 11.33
C PRO A 340 2.04 11.98 11.07
N ALA A 341 0.81 11.54 11.26
CA ALA A 341 0.37 10.28 10.70
C ALA A 341 0.87 10.21 9.25
N ILE A 342 1.29 9.03 8.82
CA ILE A 342 1.69 8.87 7.43
C ILE A 342 0.44 8.88 6.55
N GLN A 343 0.43 9.73 5.53
CA GLN A 343 -0.61 9.69 4.51
C GLN A 343 0.01 9.31 3.16
N GLU A 344 0.47 10.30 2.38
CA GLU A 344 1.22 10.07 1.17
C GLU A 344 2.58 9.45 1.51
N LEU A 345 3.04 8.55 0.64
CA LEU A 345 4.32 7.85 0.77
C LEU A 345 5.38 8.46 -0.18
N PRO A 346 6.66 8.30 0.15
CA PRO A 346 7.63 8.90 -0.75
C PRO A 346 7.96 7.95 -1.91
N VAL A 347 8.75 8.43 -2.87
CA VAL A 347 9.19 7.62 -3.99
C VAL A 347 9.92 6.35 -3.52
N GLN A 348 9.63 5.25 -4.22
CA GLN A 348 10.01 3.91 -3.81
C GLN A 348 10.33 3.10 -5.07
N SER A 349 11.29 2.18 -4.98
CA SER A 349 11.53 1.19 -6.05
C SER A 349 12.31 -0.03 -5.54
N ALA A 350 12.15 -1.16 -6.22
CA ALA A 350 12.92 -2.37 -5.89
C ALA A 350 13.12 -3.24 -7.13
N VAL A 351 14.19 -4.04 -7.08
CA VAL A 351 14.57 -5.01 -8.13
C VAL A 351 13.91 -6.35 -7.80
N THR A 352 13.14 -6.88 -8.73
CA THR A 352 12.46 -8.15 -8.51
C THR A 352 13.10 -9.29 -9.29
N GLN A 353 13.86 -8.94 -10.34
CA GLN A 353 14.57 -9.93 -11.15
C GLN A 353 15.92 -9.35 -11.57
N PRO A 354 17.02 -10.08 -11.29
CA PRO A 354 17.04 -11.36 -10.60
C PRO A 354 17.01 -11.22 -9.07
N ARG A 355 17.02 -12.35 -8.39
CA ARG A 355 16.98 -12.43 -6.93
C ARG A 355 18.38 -12.53 -6.35
N PRO A 356 18.57 -12.06 -5.09
CA PRO A 356 19.89 -12.11 -4.45
C PRO A 356 20.53 -13.49 -4.47
N GLY A 357 21.84 -13.53 -4.74
CA GLY A 357 22.62 -14.77 -4.66
C GLY A 357 22.61 -15.64 -5.91
N ALA A 358 21.71 -15.33 -6.83
CA ALA A 358 21.50 -16.12 -8.04
C ALA A 358 22.72 -16.14 -8.95
N ALA A 359 22.82 -17.18 -9.75
CA ALA A 359 23.81 -17.26 -10.81
C ALA A 359 23.09 -16.90 -12.12
N VAL A 360 23.72 -16.06 -12.93
CA VAL A 360 23.13 -15.68 -14.22
C VAL A 360 24.02 -16.05 -15.39
N PRO A 361 23.42 -16.55 -16.48
CA PRO A 361 24.16 -16.88 -17.70
C PRO A 361 24.81 -15.63 -18.33
N PRO A 362 26.04 -15.78 -18.87
CA PRO A 362 26.76 -14.67 -19.52
C PRO A 362 26.04 -14.14 -20.77
N GLY A 363 26.47 -12.99 -21.28
CA GLY A 363 25.84 -12.38 -22.45
C GLY A 363 24.82 -11.33 -22.04
N GLU A 364 23.56 -11.74 -21.88
CA GLU A 364 22.51 -10.76 -21.57
C GLU A 364 21.62 -11.11 -20.39
N LEU A 365 21.45 -10.10 -19.53
CA LEU A 365 20.58 -10.19 -18.36
C LEU A 365 19.47 -9.14 -18.40
N THR A 366 18.26 -9.59 -18.13
CA THR A 366 17.10 -8.73 -18.06
C THR A 366 16.77 -8.48 -16.61
N VAL A 367 17.07 -7.26 -16.17
CA VAL A 367 16.76 -6.82 -14.83
C VAL A 367 15.37 -6.18 -14.84
N LYS A 368 14.51 -6.59 -13.90
CA LYS A 368 13.14 -6.06 -13.82
C LYS A 368 12.82 -5.59 -12.43
N GLY A 369 11.87 -4.68 -12.33
CA GLY A 369 11.42 -4.20 -11.03
C GLY A 369 10.17 -3.35 -11.09
N TYR A 370 9.83 -2.74 -9.96
CA TYR A 370 8.72 -1.81 -9.88
C TYR A 370 9.22 -0.48 -9.34
N ALA A 371 8.44 0.58 -9.57
CA ALA A 371 8.67 1.87 -8.94
C ALA A 371 7.34 2.54 -8.79
N TRP A 372 7.26 3.44 -7.82
CA TRP A 372 5.97 4.06 -7.46
C TRP A 372 6.27 5.25 -6.55
N SER A 373 5.38 6.22 -6.58
CA SER A 373 5.45 7.32 -5.63
C SER A 373 4.05 7.67 -5.12
N GLY A 374 3.98 8.28 -3.93
CA GLY A 374 2.70 8.63 -3.35
C GLY A 374 2.15 9.90 -3.96
N GLY A 375 0.90 10.23 -3.60
CA GLY A 375 0.36 11.53 -3.88
C GLY A 375 0.01 11.76 -5.31
N GLY A 376 -0.15 10.67 -6.07
CA GLY A 376 -0.42 10.77 -7.50
C GLY A 376 0.75 11.27 -8.33
N ARG A 377 1.94 11.29 -7.74
CA ARG A 377 3.14 11.69 -8.47
C ARG A 377 3.70 10.56 -9.35
N GLU A 378 3.85 10.85 -10.64
CA GLU A 378 4.33 9.84 -11.60
C GLU A 378 5.81 9.54 -11.42
N VAL A 379 6.21 8.29 -11.66
CA VAL A 379 7.61 7.95 -11.78
C VAL A 379 8.08 8.40 -13.17
N VAL A 380 9.08 9.28 -13.22
CA VAL A 380 9.53 9.83 -14.51
C VAL A 380 10.78 9.17 -15.00
N ARG A 381 11.54 8.57 -14.09
CA ARG A 381 12.80 7.89 -14.44
C ARG A 381 13.16 6.84 -13.39
N VAL A 382 13.78 5.75 -13.85
CA VAL A 382 14.38 4.75 -13.00
C VAL A 382 15.78 4.53 -13.52
N ASP A 383 16.77 4.74 -12.63
CA ASP A 383 18.16 4.51 -12.93
C ASP A 383 18.53 3.15 -12.37
N VAL A 384 19.35 2.40 -13.12
CA VAL A 384 19.82 1.06 -12.71
C VAL A 384 21.35 0.96 -12.81
N SER A 385 21.97 0.39 -11.78
CA SER A 385 23.41 0.20 -11.71
C SER A 385 23.73 -1.27 -11.54
N LEU A 386 24.83 -1.72 -12.13
CA LEU A 386 25.36 -3.06 -11.90
C LEU A 386 26.63 -3.02 -11.09
N ASP A 387 27.20 -1.83 -10.93
CA ASP A 387 28.46 -1.69 -10.21
C ASP A 387 28.29 -1.01 -8.83
N GLY A 388 27.17 -1.29 -8.17
CA GLY A 388 27.00 -0.84 -6.79
C GLY A 388 26.68 0.63 -6.61
N GLY A 389 26.36 1.31 -7.71
CA GLY A 389 25.90 2.70 -7.62
C GLY A 389 26.87 3.78 -8.08
N ARG A 390 27.91 3.35 -8.81
CA ARG A 390 28.91 4.25 -9.43
C ARG A 390 28.48 4.73 -10.82
N THR A 391 28.11 3.79 -11.70
CA THR A 391 27.52 4.17 -12.99
C THR A 391 26.06 3.72 -13.08
N TRP A 392 25.31 4.39 -13.95
CA TRP A 392 23.88 4.16 -14.04
C TRP A 392 23.46 4.17 -15.48
N LYS A 393 22.35 3.49 -15.75
CA LYS A 393 21.69 3.53 -17.03
C LYS A 393 20.20 3.66 -16.77
N VAL A 394 19.50 4.29 -17.71
CA VAL A 394 18.08 4.56 -17.61
C VAL A 394 17.28 3.30 -17.99
N ALA A 395 16.30 2.94 -17.17
CA ALA A 395 15.49 1.74 -17.44
C ALA A 395 14.35 2.06 -18.39
N ARG A 396 13.75 1.04 -19.01
CA ARG A 396 12.51 1.24 -19.75
C ARG A 396 11.30 1.19 -18.80
N LEU A 397 10.40 2.15 -18.92
CA LEU A 397 9.21 2.22 -18.07
C LEU A 397 7.95 1.74 -18.78
N MET A 398 7.15 0.95 -18.06
CA MET A 398 5.82 0.53 -18.52
C MET A 398 4.79 0.90 -17.46
N GLY A 399 3.71 1.57 -17.88
CA GLY A 399 2.68 2.07 -16.96
C GLY A 399 1.40 2.40 -17.70
N ASP A 400 0.42 2.95 -17.01
CA ASP A 400 -0.87 3.22 -17.66
C ASP A 400 -1.12 4.68 -17.92
N LYS A 401 -0.05 5.47 -17.93
CA LYS A 401 -0.12 6.88 -18.29
C LYS A 401 -1.39 7.59 -17.81
N ALA A 402 -1.41 7.91 -16.52
CA ALA A 402 -2.43 8.74 -15.92
C ALA A 402 -2.33 10.25 -16.14
N PRO A 403 -3.43 11.00 -15.93
CA PRO A 403 -3.36 12.47 -15.95
C PRO A 403 -2.43 13.02 -14.85
N PRO A 404 -1.87 14.22 -15.06
CA PRO A 404 -0.95 14.78 -14.05
C PRO A 404 -1.55 14.76 -12.64
N GLY A 405 -0.76 14.37 -11.64
CA GLY A 405 -1.26 14.36 -10.26
C GLY A 405 -2.18 13.17 -9.88
N ARG A 406 -2.39 12.25 -10.81
CA ARG A 406 -3.25 11.09 -10.56
C ARG A 406 -2.56 9.76 -10.91
N ALA A 407 -1.23 9.75 -10.82
CA ALA A 407 -0.49 8.52 -11.08
C ALA A 407 -0.54 7.61 -9.86
N TRP A 408 -1.64 6.88 -9.76
CA TRP A 408 -1.93 6.06 -8.59
C TRP A 408 -1.24 4.70 -8.69
N ALA A 409 -0.91 4.28 -9.91
CA ALA A 409 -0.37 2.96 -10.13
C ALA A 409 1.14 2.98 -10.31
N TRP A 410 1.78 1.91 -9.86
CA TRP A 410 3.24 1.78 -10.06
C TRP A 410 3.64 1.79 -11.55
N ALA A 411 4.94 1.94 -11.77
CA ALA A 411 5.56 1.71 -13.06
C ALA A 411 6.40 0.45 -12.95
N LEU A 412 6.27 -0.44 -13.91
CA LEU A 412 7.16 -1.60 -14.00
C LEU A 412 8.30 -1.23 -14.93
N TRP A 413 9.48 -1.75 -14.64
CA TRP A 413 10.64 -1.36 -15.42
C TRP A 413 11.51 -2.56 -15.75
N GLU A 414 12.20 -2.46 -16.88
CA GLU A 414 13.11 -3.50 -17.32
C GLU A 414 14.33 -2.86 -17.99
N LEU A 415 15.48 -3.49 -17.82
CA LEU A 415 16.69 -3.09 -18.50
C LEU A 415 17.48 -4.33 -18.94
N THR A 416 17.69 -4.49 -20.24
CA THR A 416 18.49 -5.60 -20.74
C THR A 416 19.92 -5.14 -21.00
N VAL A 417 20.86 -5.80 -20.34
CA VAL A 417 22.23 -5.30 -20.23
C VAL A 417 23.28 -6.43 -20.37
N PRO A 418 24.44 -6.15 -21.02
CA PRO A 418 25.46 -7.19 -21.18
C PRO A 418 26.20 -7.57 -19.89
N VAL A 419 26.35 -8.87 -19.64
CA VAL A 419 27.04 -9.38 -18.46
C VAL A 419 28.18 -10.36 -18.80
N GLU A 420 29.36 -10.07 -18.26
CA GLU A 420 30.60 -10.82 -18.57
C GLU A 420 30.81 -12.06 -17.71
N ALA A 421 31.33 -13.12 -18.32
CA ALA A 421 31.62 -14.38 -17.64
C ALA A 421 32.54 -14.21 -16.41
N GLY A 422 32.04 -14.63 -15.26
CA GLY A 422 32.83 -14.68 -14.03
C GLY A 422 33.04 -13.35 -13.32
N THR A 423 32.00 -12.51 -13.31
CA THR A 423 32.02 -11.27 -12.53
C THR A 423 30.90 -11.25 -11.48
N GLU A 424 31.12 -10.49 -10.41
CA GLU A 424 30.10 -10.21 -9.40
C GLU A 424 29.48 -8.87 -9.72
N LEU A 425 28.15 -8.79 -9.63
CA LEU A 425 27.44 -7.55 -9.85
C LEU A 425 26.63 -7.16 -8.61
N GLU A 426 26.61 -5.86 -8.33
CA GLU A 426 25.73 -5.33 -7.33
C GLU A 426 24.68 -4.51 -8.08
N ILE A 427 23.51 -5.11 -8.26
CA ILE A 427 22.41 -4.50 -8.99
C ILE A 427 21.67 -3.55 -8.08
N VAL A 428 21.54 -2.29 -8.50
CA VAL A 428 20.94 -1.23 -7.68
C VAL A 428 19.96 -0.43 -8.54
N CYS A 429 18.83 -0.04 -7.95
CA CYS A 429 17.85 0.75 -8.66
C CYS A 429 17.41 1.90 -7.78
N LYS A 430 17.04 3.00 -8.42
CA LYS A 430 16.52 4.19 -7.74
C LYS A 430 15.57 4.93 -8.67
N ALA A 431 14.47 5.45 -8.15
CA ALA A 431 13.43 6.09 -8.97
C ALA A 431 13.29 7.58 -8.70
N VAL A 432 12.69 8.31 -9.65
CA VAL A 432 12.54 9.74 -9.54
C VAL A 432 11.12 10.11 -9.92
N ASP A 433 10.41 10.83 -9.05
CA ASP A 433 9.01 11.17 -9.37
C ASP A 433 8.81 12.53 -10.07
N SER A 434 7.56 12.90 -10.33
CA SER A 434 7.26 14.16 -11.08
C SER A 434 7.49 15.46 -10.29
N SER A 435 7.68 15.35 -8.97
CA SER A 435 8.17 16.51 -8.22
C SER A 435 9.68 16.43 -8.05
N TYR A 436 10.29 15.48 -8.75
CA TYR A 436 11.74 15.25 -8.68
C TYR A 436 12.23 14.88 -7.28
N ASN A 437 11.35 14.25 -6.48
CA ASN A 437 11.87 13.55 -5.31
C ASN A 437 12.65 12.32 -5.73
N VAL A 438 13.64 11.98 -4.92
CA VAL A 438 14.59 10.88 -5.18
C VAL A 438 14.69 9.99 -3.94
N GLN A 439 15.32 8.83 -4.10
CA GLN A 439 15.52 7.88 -3.02
C GLN A 439 16.93 8.10 -2.51
N PRO A 440 17.15 7.99 -1.19
CA PRO A 440 18.45 8.21 -0.54
C PRO A 440 19.39 7.02 -0.68
N ASP A 441 20.69 7.27 -0.56
CA ASP A 441 21.69 6.24 -0.85
C ASP A 441 21.57 5.07 0.11
N SER A 442 21.45 5.35 1.40
CA SER A 442 21.61 4.29 2.38
C SER A 442 20.48 4.27 3.40
N VAL A 443 20.35 3.14 4.09
CA VAL A 443 19.27 2.88 5.03
C VAL A 443 19.55 3.42 6.43
N ALA A 444 20.80 3.33 6.90
CA ALA A 444 21.10 3.75 8.26
C ALA A 444 20.51 5.14 8.62
N PRO A 445 20.69 6.17 7.75
CA PRO A 445 20.17 7.53 8.08
C PRO A 445 18.65 7.70 8.07
N ILE A 446 17.92 6.71 7.57
CA ILE A 446 16.47 6.75 7.57
C ILE A 446 15.88 5.69 8.53
N TRP A 447 16.75 5.07 9.32
CA TRP A 447 16.36 4.04 10.27
C TRP A 447 15.38 4.57 11.31
N ASN A 448 14.43 3.74 11.71
CA ASN A 448 13.51 4.09 12.78
C ASN A 448 12.99 2.84 13.46
N LEU A 449 12.56 2.97 14.72
CA LEU A 449 12.25 1.81 15.56
C LEU A 449 11.05 1.01 15.06
N ARG A 450 10.14 1.68 14.38
CA ARG A 450 8.97 1.04 13.81
C ARG A 450 9.24 0.32 12.47
N GLY A 451 10.39 0.60 11.86
CA GLY A 451 10.78 -0.04 10.61
C GLY A 451 9.95 0.36 9.40
N VAL A 452 9.28 1.52 9.46
CA VAL A 452 8.50 2.00 8.33
C VAL A 452 9.35 2.89 7.41
N LEU A 453 8.79 3.26 6.25
CA LEU A 453 9.43 4.22 5.33
C LEU A 453 10.85 3.82 4.91
N SER A 454 10.95 2.65 4.30
CA SER A 454 12.24 2.05 3.95
C SER A 454 12.35 2.17 2.44
N THR A 455 13.07 3.19 1.97
CA THR A 455 13.07 3.56 0.56
C THR A 455 14.49 3.88 0.03
N ALA A 456 15.51 3.49 0.80
CA ALA A 456 16.86 3.60 0.31
C ALA A 456 17.02 2.66 -0.89
N TRP A 457 18.06 2.88 -1.69
CA TRP A 457 18.27 2.09 -2.89
C TRP A 457 18.23 0.61 -2.57
N HIS A 458 17.52 -0.15 -3.39
CA HIS A 458 17.54 -1.59 -3.29
C HIS A 458 18.78 -2.13 -4.01
N ARG A 459 19.52 -3.00 -3.33
CA ARG A 459 20.78 -3.58 -3.82
C ARG A 459 20.69 -5.10 -3.85
N VAL A 460 20.96 -5.67 -5.03
CA VAL A 460 20.91 -7.12 -5.20
C VAL A 460 22.27 -7.62 -5.71
N ARG A 461 22.93 -8.46 -4.91
CA ARG A 461 24.23 -8.99 -5.27
C ARG A 461 24.07 -10.35 -5.95
N VAL A 462 24.53 -10.45 -7.19
CA VAL A 462 24.49 -11.70 -7.95
C VAL A 462 25.85 -11.98 -8.56
N SER A 463 26.02 -13.21 -9.08
CA SER A 463 27.22 -13.60 -9.81
C SER A 463 26.88 -14.09 -11.22
N VAL A 464 27.87 -14.00 -12.11
CA VAL A 464 27.73 -14.49 -13.48
C VAL A 464 28.65 -15.71 -13.64
N GLN A 465 28.12 -16.76 -14.29
CA GLN A 465 28.87 -18.00 -14.49
C GLN A 465 29.95 -17.87 -15.57
N ASP A 466 30.80 -18.89 -15.67
CA ASP A 466 31.93 -18.92 -16.64
C ASP A 466 31.50 -19.38 -18.04
N1 MTE B . -8.62 -2.68 7.23
C2 MTE B . -9.07 -3.40 8.28
N2 MTE B . -10.40 -3.37 8.50
N3 MTE B . -8.25 -4.12 9.07
C4 MTE B . -6.94 -4.17 8.84
O4 MTE B . -6.20 -4.85 9.57
N5 MTE B . -5.04 -3.33 7.38
C6 MTE B . -4.66 -2.07 6.75
C7 MTE B . -5.53 -1.78 5.53
N8 MTE B . -6.94 -1.88 5.86
C9 MTE B . -6.36 -3.40 7.71
C10 MTE B . -7.33 -2.63 6.90
C1' MTE B . -3.24 -2.07 6.29
S1' MTE B . -2.07 -1.78 7.46
C2' MTE B . -2.91 -2.27 5.01
S2' MTE B . -1.30 -2.15 4.51
C3' MTE B . -3.97 -2.61 3.96
O3' MTE B . -5.25 -2.75 4.55
C4' MTE B . -3.63 -3.92 3.28
O4' MTE B . -4.65 -4.27 2.38
P MTE B . -4.63 -5.65 1.57
O1P MTE B . -3.33 -5.55 0.85
O2P MTE B . -5.78 -5.59 0.62
O3P MTE B . -4.82 -6.68 2.67
MO1 MOM C . -0.03 -1.42 6.42
OM3 MOM C . 0.93 -2.02 7.71
OM1 MOM C . 0.59 0.09 5.94
OM2 MOM C . 1.07 -2.45 5.63
S SO3 D . 3.26 -3.06 10.36
O1 SO3 D . 3.70 -1.66 10.37
O2 SO3 D . 3.26 -3.57 8.98
O3 SO3 D . 4.09 -3.94 11.20
#